data_7B8E
#
_entry.id   7B8E
#
_cell.length_a   139.074
_cell.length_b   139.074
_cell.length_c   71.319
_cell.angle_alpha   90.000
_cell.angle_beta   90.000
_cell.angle_gamma   120.000
#
_symmetry.space_group_name_H-M   'P 32 2 1'
#
loop_
_entity.id
_entity.type
_entity.pdbx_description
1 polymer Acetylcholinesterase
2 branched 2-acetamido-2-deoxy-beta-D-glucopyranose-(1-4)-2-acetamido-2-deoxy-beta-D-glucopyranose
3 branched alpha-L-fucopyranose-(1-6)-2-acetamido-2-deoxy-beta-D-glucopyranose
4 non-polymer 1,2-ETHANEDIOL
5 non-polymer 2-acetamido-2-deoxy-beta-D-glucopyranose
6 non-polymer 2-[2-(2-ethoxyethoxy)ethoxy]ethanol
7 non-polymer 'CALCIUM ION'
8 non-polymer 'ZINC ION'
9 water water
#
_entity_poly.entity_id   1
_entity_poly.type   'polypeptide(L)'
_entity_poly.pdbx_seq_one_letter_code
;DDHSELLVNTKSGKVMGTRVPVLSSHISAFLGIPFAEPPVGNMRFRRPEPKKPWSGVWNASTYPNNCQQYVDEQFPGFSG
SEMWNPNREMSEDCLYLNIWVPSPRPKSTTVMVWIYGGGFYSGSSTLDVYNGKYLAYTEEVVLVSLSYRVGAFGFLALHG
SQEAPGNVGLLDQRMALQWVHDNIQFFGGDPKTVTIFGESAGGASVGMHILSPGSRDLFRRAILQSGSPNCPWASVSVAE
GRRRAVELGRNLNCNLNSDEELIHCLREKKPQELIDVEWNVLPFDSIFRFSFVPVIDGEFFPTSLESMLNSGNFKKTQIL
LGVNKDEGSFFLLYGAPGFSKDSESKISREDFMSGVKLSVPHANDLGLDAVTLQYTDWMDDNNGIKNRDGLDDIVGDHNV
ICPLMHFVNKYTKFGNGTYLYFFNHRASNLVWPEWMGVIHGYEIEFVFGLPLVKELNYTAEEEALSRRIMHYWATFAKTG
NPNEPHSQESKWPLFTTKEQKFIDLNTEPMKVHQRLRVQMCVFWNQFLPKLLNATAC
;
_entity_poly.pdbx_strand_id   A
#
loop_
_chem_comp.id
_chem_comp.type
_chem_comp.name
_chem_comp.formula
CA non-polymer 'CALCIUM ION' 'Ca 2'
EDO non-polymer 1,2-ETHANEDIOL 'C2 H6 O2'
FUC L-saccharide, alpha linking alpha-L-fucopyranose 'C6 H12 O5'
FWN non-polymer 2-[2-(2-ethoxyethoxy)ethoxy]ethanol 'C8 H18 O4'
NAG D-saccharide, beta linking 2-acetamido-2-deoxy-beta-D-glucopyranose 'C8 H15 N O6'
ZN non-polymer 'ZINC ION' 'Zn 2'
#
# COMPACT_ATOMS: atom_id res chain seq x y z
N SER A 4 -28.56 -21.26 -5.00
CA SER A 4 -27.70 -20.87 -6.11
C SER A 4 -26.42 -20.21 -5.60
N GLU A 5 -25.46 -20.03 -6.51
CA GLU A 5 -24.17 -19.46 -6.14
C GLU A 5 -24.35 -18.10 -5.45
N LEU A 6 -25.22 -17.26 -6.00
CA LEU A 6 -25.27 -15.87 -5.57
C LEU A 6 -25.85 -15.70 -4.17
N LEU A 7 -26.40 -16.76 -3.57
CA LEU A 7 -26.88 -16.71 -2.21
C LEU A 7 -25.96 -17.56 -1.34
N VAL A 8 -25.41 -16.96 -0.29
CA VAL A 8 -24.42 -17.59 0.57
C VAL A 8 -24.74 -17.26 2.01
N ASN A 9 -24.57 -18.25 2.88
CA ASN A 9 -24.71 -18.02 4.31
C ASN A 9 -23.34 -17.88 4.96
N THR A 10 -23.28 -17.04 6.00
CA THR A 10 -22.05 -16.78 6.72
C THR A 10 -22.36 -16.75 8.20
N LYS A 11 -21.33 -16.96 9.01
CA LYS A 11 -21.47 -16.99 10.47
C LYS A 11 -22.12 -15.71 10.99
N SER A 12 -22.18 -14.67 10.14
CA SER A 12 -22.73 -13.40 10.56
C SER A 12 -24.06 -13.05 9.91
N GLY A 13 -24.42 -13.74 8.83
CA GLY A 13 -25.69 -13.49 8.19
C GLY A 13 -25.66 -14.01 6.76
N LYS A 14 -26.80 -13.87 6.11
CA LYS A 14 -26.89 -14.27 4.72
C LYS A 14 -26.55 -13.10 3.81
N VAL A 15 -25.98 -13.43 2.66
CA VAL A 15 -25.47 -12.45 1.72
CA VAL A 15 -25.42 -12.47 1.72
C VAL A 15 -25.92 -12.84 0.32
N MET A 16 -26.36 -11.84 -0.44
CA MET A 16 -26.79 -12.03 -1.82
C MET A 16 -25.91 -11.19 -2.75
N GLY A 17 -25.35 -11.84 -3.76
CA GLY A 17 -24.48 -11.20 -4.71
C GLY A 17 -25.08 -11.17 -6.11
N THR A 18 -24.29 -10.62 -7.03
CA THR A 18 -24.68 -10.41 -8.42
C THR A 18 -23.77 -11.19 -9.34
N ARG A 19 -24.34 -11.65 -10.45
CA ARG A 19 -23.55 -12.23 -11.53
C ARG A 19 -23.10 -11.10 -12.43
N VAL A 20 -21.79 -10.96 -12.61
CA VAL A 20 -21.26 -9.85 -13.38
C VAL A 20 -20.51 -10.43 -14.57
N PRO A 21 -20.46 -9.74 -15.70
CA PRO A 21 -19.71 -10.25 -16.84
C PRO A 21 -18.23 -9.94 -16.69
N VAL A 22 -17.42 -10.77 -17.32
CA VAL A 22 -15.99 -10.53 -17.41
C VAL A 22 -15.42 -11.30 -18.58
N LEU A 23 -14.97 -10.58 -19.60
CA LEU A 23 -14.22 -11.19 -20.69
C LEU A 23 -14.94 -12.42 -21.24
N SER A 24 -16.10 -12.18 -21.86
CA SER A 24 -16.80 -13.25 -22.56
C SER A 24 -17.53 -14.22 -21.63
N SER A 25 -17.36 -14.13 -20.31
CA SER A 25 -17.97 -15.10 -19.41
C SER A 25 -18.53 -14.35 -18.21
N HIS A 26 -18.74 -15.05 -17.09
CA HIS A 26 -19.36 -14.43 -15.92
C HIS A 26 -18.76 -15.04 -14.66
N ILE A 27 -18.90 -14.30 -13.55
CA ILE A 27 -18.54 -14.78 -12.21
C ILE A 27 -19.47 -14.09 -11.22
N SER A 28 -19.46 -14.57 -9.98
CA SER A 28 -20.21 -13.92 -8.90
C SER A 28 -19.38 -12.83 -8.24
N ALA A 29 -20.05 -11.75 -7.87
CA ALA A 29 -19.48 -10.67 -7.08
C ALA A 29 -20.31 -10.48 -5.82
N PHE A 30 -19.64 -10.36 -4.69
CA PHE A 30 -20.29 -10.03 -3.42
C PHE A 30 -19.69 -8.71 -2.94
N LEU A 31 -20.39 -7.61 -3.22
CA LEU A 31 -19.88 -6.28 -2.99
C LEU A 31 -20.42 -5.72 -1.69
N GLY A 32 -19.55 -5.13 -0.89
CA GLY A 32 -20.00 -4.40 0.28
C GLY A 32 -20.46 -5.22 1.46
N ILE A 33 -19.80 -6.34 1.74
CA ILE A 33 -20.13 -7.14 2.93
C ILE A 33 -19.52 -6.47 4.15
N PRO A 34 -20.29 -6.23 5.21
CA PRO A 34 -19.74 -5.58 6.41
C PRO A 34 -19.00 -6.57 7.30
N PHE A 35 -17.82 -6.14 7.81
CA PHE A 35 -17.05 -6.94 8.74
C PHE A 35 -16.87 -6.30 10.11
N ALA A 36 -17.36 -5.09 10.33
CA ALA A 36 -17.26 -4.47 11.63
C ALA A 36 -18.47 -3.57 11.86
N GLU A 37 -18.70 -3.22 13.12
CA GLU A 37 -19.67 -2.19 13.42
C GLU A 37 -19.20 -0.86 12.81
N PRO A 38 -20.12 -0.03 12.32
CA PRO A 38 -19.75 1.30 11.85
C PRO A 38 -19.00 2.08 12.92
N PRO A 39 -17.78 2.47 12.64
CA PRO A 39 -16.98 3.17 13.66
C PRO A 39 -17.37 4.64 13.79
N VAL A 40 -18.64 4.87 14.14
CA VAL A 40 -19.23 6.21 14.09
C VAL A 40 -19.48 6.75 15.50
N GLY A 41 -19.80 8.03 15.56
CA GLY A 41 -20.14 8.64 16.84
C GLY A 41 -19.02 8.45 17.84
N ASN A 42 -19.33 7.81 18.97
CA ASN A 42 -18.37 7.69 20.06
C ASN A 42 -17.34 6.60 19.83
N MET A 43 -17.52 5.79 18.79
CA MET A 43 -16.55 4.79 18.37
C MET A 43 -15.49 5.35 17.41
N ARG A 44 -15.59 6.64 17.03
CA ARG A 44 -14.53 7.24 16.21
C ARG A 44 -13.20 7.16 16.94
N PHE A 45 -12.19 6.62 16.27
CA PHE A 45 -10.83 6.45 16.78
C PHE A 45 -10.70 5.18 17.62
N ARG A 46 -11.80 4.51 17.98
CA ARG A 46 -11.73 3.28 18.77
C ARG A 46 -11.34 2.09 17.90
N ARG A 47 -10.83 1.05 18.56
CA ARG A 47 -10.63 -0.22 17.88
C ARG A 47 -11.93 -0.64 17.25
N PRO A 48 -11.89 -1.41 16.18
CA PRO A 48 -13.14 -1.89 15.57
C PRO A 48 -13.76 -2.99 16.42
N GLU A 49 -15.10 -3.04 16.43
CA GLU A 49 -15.77 -4.21 17.00
C GLU A 49 -16.41 -5.03 15.88
N PRO A 50 -16.57 -6.33 16.07
CA PRO A 50 -17.04 -7.17 14.97
C PRO A 50 -18.50 -6.90 14.63
N LYS A 51 -18.85 -7.17 13.38
CA LYS A 51 -20.18 -6.86 12.87
C LYS A 51 -21.23 -7.75 13.52
N LYS A 52 -22.15 -7.14 14.28
CA LYS A 52 -23.28 -7.85 14.84
C LYS A 52 -23.99 -8.64 13.77
N PRO A 53 -24.25 -9.93 13.94
CA PRO A 53 -24.91 -10.71 12.89
C PRO A 53 -26.29 -10.13 12.60
N TRP A 54 -26.74 -10.31 11.36
CA TRP A 54 -27.93 -9.66 10.85
C TRP A 54 -28.97 -10.69 10.43
N SER A 55 -30.23 -10.33 10.64
CA SER A 55 -31.34 -11.11 10.11
C SER A 55 -31.60 -10.71 8.66
N GLY A 56 -32.19 -11.63 7.90
CA GLY A 56 -32.47 -11.38 6.51
C GLY A 56 -31.24 -11.47 5.64
N VAL A 57 -31.45 -11.29 4.34
CA VAL A 57 -30.38 -11.33 3.35
C VAL A 57 -29.72 -9.95 3.29
N TRP A 58 -28.39 -9.93 3.32
CA TRP A 58 -27.62 -8.71 3.08
C TRP A 58 -27.43 -8.55 1.58
N ASN A 59 -27.91 -7.43 1.04
CA ASN A 59 -27.74 -7.14 -0.38
C ASN A 59 -26.26 -6.83 -0.65
N ALA A 60 -25.58 -7.73 -1.36
CA ALA A 60 -24.16 -7.51 -1.66
C ALA A 60 -24.01 -7.24 -3.14
N SER A 61 -24.85 -6.38 -3.68
CA SER A 61 -24.90 -6.16 -5.12
C SER A 61 -24.10 -4.95 -5.58
N THR A 62 -23.82 -3.98 -4.70
CA THR A 62 -23.16 -2.76 -5.10
C THR A 62 -22.02 -2.39 -4.14
N TYR A 63 -21.05 -1.71 -4.70
CA TYR A 63 -19.88 -1.24 -3.96
C TYR A 63 -20.31 -0.43 -2.75
N PRO A 64 -19.58 -0.51 -1.65
CA PRO A 64 -19.90 0.27 -0.45
C PRO A 64 -19.39 1.70 -0.55
N ASN A 65 -19.72 2.51 0.47
CA ASN A 65 -19.09 3.81 0.69
C ASN A 65 -17.57 3.68 0.84
N ASN A 66 -16.88 4.80 0.62
CA ASN A 66 -15.45 4.93 0.88
C ASN A 66 -15.23 5.65 2.21
N CYS A 67 -14.07 5.44 2.82
CA CYS A 67 -13.80 6.06 4.11
C CYS A 67 -13.50 7.55 3.94
N GLN A 68 -13.76 8.32 5.00
CA GLN A 68 -13.46 9.74 4.99
C GLN A 68 -11.97 9.96 4.71
N GLN A 69 -11.66 10.81 3.74
CA GLN A 69 -10.27 11.04 3.37
C GLN A 69 -10.11 12.38 2.68
N TYR A 70 -8.89 12.89 2.75
CA TYR A 70 -8.47 13.97 1.88
C TYR A 70 -8.60 13.55 0.42
N VAL A 71 -9.13 14.44 -0.41
CA VAL A 71 -9.34 14.15 -1.84
C VAL A 71 -8.36 14.97 -2.64
N ASP A 72 -7.72 14.35 -3.63
CA ASP A 72 -6.70 15.04 -4.43
C ASP A 72 -7.38 15.88 -5.51
N GLU A 73 -7.25 17.21 -5.43
CA GLU A 73 -7.83 18.10 -6.44
C GLU A 73 -6.80 18.99 -7.14
N GLN A 74 -5.52 18.62 -7.10
N GLN A 74 -5.52 18.63 -7.09
CA GLN A 74 -4.48 19.46 -7.70
CA GLN A 74 -4.47 19.43 -7.71
C GLN A 74 -4.56 19.48 -9.23
C GLN A 74 -4.66 19.53 -9.23
N PHE A 75 -5.12 18.44 -9.86
CA PHE A 75 -5.30 18.38 -11.31
C PHE A 75 -6.74 18.00 -11.63
N PRO A 76 -7.68 18.92 -11.46
CA PRO A 76 -9.10 18.58 -11.67
C PRO A 76 -9.36 18.13 -13.10
N GLY A 77 -10.36 17.27 -13.25
CA GLY A 77 -10.73 16.76 -14.56
C GLY A 77 -9.60 16.09 -15.32
N PHE A 78 -8.66 15.47 -14.62
CA PHE A 78 -7.54 14.76 -15.23
C PHE A 78 -7.58 13.31 -14.75
N SER A 79 -7.76 12.37 -15.67
CA SER A 79 -7.97 10.98 -15.28
C SER A 79 -6.78 10.40 -14.52
N GLY A 80 -5.57 10.92 -14.77
CA GLY A 80 -4.41 10.37 -14.09
C GLY A 80 -4.49 10.50 -12.58
N SER A 81 -5.00 11.63 -12.11
CA SER A 81 -5.19 11.81 -10.68
C SER A 81 -6.53 11.27 -10.20
N GLU A 82 -7.61 11.51 -10.96
CA GLU A 82 -8.92 11.16 -10.44
C GLU A 82 -9.13 9.64 -10.36
N MET A 83 -8.37 8.84 -11.11
CA MET A 83 -8.45 7.38 -10.95
C MET A 83 -8.09 6.91 -9.54
N TRP A 84 -7.50 7.75 -8.69
CA TRP A 84 -7.18 7.35 -7.32
C TRP A 84 -8.11 7.95 -6.29
N ASN A 85 -8.96 8.92 -6.69
CA ASN A 85 -9.93 9.52 -5.78
C ASN A 85 -11.04 8.53 -5.43
N PRO A 86 -11.73 8.75 -4.32
CA PRO A 86 -12.95 7.99 -4.04
C PRO A 86 -13.93 8.09 -5.21
N ASN A 87 -14.53 6.96 -5.59
CA ASN A 87 -15.57 6.95 -6.62
C ASN A 87 -16.93 6.55 -6.05
N ARG A 88 -17.08 6.67 -4.74
CA ARG A 88 -18.35 6.43 -4.06
C ARG A 88 -18.52 7.57 -3.05
N GLU A 89 -19.65 7.61 -2.38
CA GLU A 89 -19.80 8.60 -1.31
C GLU A 89 -18.89 8.24 -0.15
N MET A 90 -18.29 9.25 0.46
CA MET A 90 -17.42 9.03 1.60
C MET A 90 -18.26 8.98 2.87
N SER A 91 -17.88 8.11 3.81
CA SER A 91 -18.62 7.97 5.05
C SER A 91 -17.73 7.36 6.12
N GLU A 92 -17.88 7.80 7.36
CA GLU A 92 -17.30 7.04 8.46
C GLU A 92 -17.83 5.61 8.50
N ASP A 93 -19.03 5.36 7.96
CA ASP A 93 -19.56 4.00 7.83
C ASP A 93 -18.97 3.39 6.58
N CYS A 94 -17.79 2.78 6.73
CA CYS A 94 -17.01 2.35 5.57
C CYS A 94 -16.29 1.02 5.72
N LEU A 95 -16.47 0.29 6.82
CA LEU A 95 -15.72 -0.95 7.02
C LEU A 95 -16.47 -2.11 6.35
N TYR A 96 -16.20 -2.29 5.06
CA TYR A 96 -16.83 -3.32 4.23
C TYR A 96 -15.77 -3.98 3.36
N LEU A 97 -16.07 -5.19 2.88
CA LEU A 97 -15.17 -5.91 1.99
C LEU A 97 -15.94 -6.45 0.79
N ASN A 98 -15.21 -6.72 -0.28
CA ASN A 98 -15.75 -7.22 -1.53
C ASN A 98 -15.09 -8.55 -1.87
N ILE A 99 -15.85 -9.43 -2.51
CA ILE A 99 -15.39 -10.77 -2.86
C ILE A 99 -15.82 -11.07 -4.29
N TRP A 100 -14.88 -11.51 -5.10
CA TRP A 100 -15.16 -12.06 -6.42
C TRP A 100 -14.91 -13.57 -6.37
N VAL A 101 -15.89 -14.34 -6.84
CA VAL A 101 -15.86 -15.81 -6.76
C VAL A 101 -16.13 -16.39 -8.14
N PRO A 102 -15.29 -17.30 -8.63
CA PRO A 102 -15.51 -17.85 -9.97
C PRO A 102 -16.81 -18.65 -10.07
N SER A 103 -17.32 -18.77 -11.30
CA SER A 103 -18.54 -19.52 -11.60
C SER A 103 -18.26 -20.64 -12.60
N PRO A 104 -18.50 -21.91 -12.26
CA PRO A 104 -19.14 -22.28 -10.98
C PRO A 104 -18.23 -22.11 -9.77
N ARG A 105 -18.83 -22.13 -8.57
CA ARG A 105 -18.10 -21.87 -7.34
C ARG A 105 -17.06 -22.97 -7.10
N PRO A 106 -15.82 -22.62 -6.76
CA PRO A 106 -14.81 -23.66 -6.55
C PRO A 106 -15.04 -24.34 -5.20
N LYS A 107 -14.44 -25.51 -5.04
CA LYS A 107 -14.71 -26.26 -3.82
C LYS A 107 -13.93 -25.67 -2.64
N SER A 108 -12.61 -25.54 -2.81
CA SER A 108 -11.72 -24.99 -1.78
C SER A 108 -10.44 -24.53 -2.45
N THR A 109 -10.45 -23.30 -2.97
CA THR A 109 -9.39 -22.78 -3.82
C THR A 109 -8.68 -21.62 -3.13
N THR A 110 -7.66 -21.09 -3.81
CA THR A 110 -6.79 -20.09 -3.22
C THR A 110 -7.48 -18.72 -3.09
N VAL A 111 -7.19 -18.03 -1.99
CA VAL A 111 -7.78 -16.73 -1.67
C VAL A 111 -6.69 -15.67 -1.70
N MET A 112 -6.99 -14.53 -2.33
CA MET A 112 -6.08 -13.38 -2.34
C MET A 112 -6.80 -12.15 -1.80
N VAL A 113 -6.20 -11.46 -0.83
CA VAL A 113 -6.83 -10.31 -0.19
C VAL A 113 -6.00 -9.06 -0.47
N TRP A 114 -6.62 -8.08 -1.12
CA TRP A 114 -5.96 -6.85 -1.53
C TRP A 114 -6.10 -5.78 -0.47
N ILE A 115 -5.00 -5.14 -0.14
CA ILE A 115 -4.98 -4.03 0.81
C ILE A 115 -4.53 -2.80 0.02
N TYR A 116 -5.45 -1.85 -0.17
CA TYR A 116 -5.12 -0.68 -0.97
C TYR A 116 -4.08 0.20 -0.25
N GLY A 117 -3.28 0.89 -1.07
CA GLY A 117 -2.37 1.93 -0.61
C GLY A 117 -3.02 3.30 -0.58
N GLY A 118 -2.17 4.32 -0.47
CA GLY A 118 -2.63 5.69 -0.34
C GLY A 118 -2.05 6.42 0.86
N GLY A 119 -0.83 6.06 1.27
CA GLY A 119 -0.13 6.76 2.34
C GLY A 119 -0.77 6.70 3.71
N PHE A 120 -1.66 5.72 3.93
CA PHE A 120 -2.48 5.63 5.14
C PHE A 120 -3.39 6.83 5.35
N TYR A 121 -3.48 7.75 4.38
CA TYR A 121 -4.40 8.89 4.50
C TYR A 121 -5.50 8.84 3.45
N SER A 122 -5.44 7.91 2.51
CA SER A 122 -6.43 7.84 1.45
C SER A 122 -6.49 6.40 0.98
N GLY A 123 -7.40 6.15 0.04
CA GLY A 123 -7.53 4.87 -0.61
C GLY A 123 -8.96 4.35 -0.56
N SER A 124 -9.28 3.41 -1.46
CA SER A 124 -10.62 2.87 -1.59
C SER A 124 -10.51 1.48 -2.17
N SER A 125 -11.35 0.56 -1.68
CA SER A 125 -11.38 -0.77 -2.29
C SER A 125 -12.11 -0.77 -3.62
N THR A 126 -12.82 0.30 -3.97
CA THR A 126 -13.77 0.32 -5.07
C THR A 126 -13.21 0.90 -6.35
N LEU A 127 -11.92 1.27 -6.39
CA LEU A 127 -11.37 1.91 -7.58
C LEU A 127 -11.46 0.95 -8.76
N ASP A 128 -11.71 1.51 -9.94
CA ASP A 128 -11.73 0.69 -11.15
C ASP A 128 -10.51 -0.22 -11.19
N VAL A 129 -9.34 0.35 -10.91
CA VAL A 129 -8.08 -0.37 -11.07
C VAL A 129 -7.96 -1.55 -10.11
N TYR A 130 -8.75 -1.59 -9.03
CA TYR A 130 -8.73 -2.70 -8.07
C TYR A 130 -9.86 -3.70 -8.34
N ASN A 131 -10.46 -3.67 -9.52
CA ASN A 131 -11.59 -4.54 -9.80
C ASN A 131 -11.09 -5.97 -9.86
N GLY A 132 -11.54 -6.80 -8.91
CA GLY A 132 -11.02 -8.14 -8.73
C GLY A 132 -11.47 -9.16 -9.77
N LYS A 133 -12.46 -8.83 -10.59
CA LYS A 133 -13.09 -9.85 -11.42
C LYS A 133 -12.11 -10.46 -12.43
N TYR A 134 -11.23 -9.64 -13.04
CA TYR A 134 -10.33 -10.19 -14.06
C TYR A 134 -9.33 -11.18 -13.47
N LEU A 135 -8.99 -11.03 -12.18
CA LEU A 135 -8.02 -11.91 -11.55
C LEU A 135 -8.72 -13.15 -11.02
N ALA A 136 -9.86 -12.98 -10.36
CA ALA A 136 -10.64 -14.14 -9.94
C ALA A 136 -10.95 -15.03 -11.14
N TYR A 137 -11.31 -14.43 -12.28
CA TYR A 137 -11.71 -15.21 -13.44
C TYR A 137 -10.52 -15.90 -14.08
N THR A 138 -9.50 -15.13 -14.47
CA THR A 138 -8.42 -15.69 -15.27
C THR A 138 -7.58 -16.70 -14.51
N GLU A 139 -7.58 -16.66 -13.18
CA GLU A 139 -6.71 -17.54 -12.41
C GLU A 139 -7.45 -18.40 -11.38
N GLU A 140 -8.77 -18.32 -11.30
CA GLU A 140 -9.55 -19.29 -10.53
C GLU A 140 -9.33 -19.12 -9.04
N VAL A 141 -9.27 -17.87 -8.58
CA VAL A 141 -9.02 -17.60 -7.17
C VAL A 141 -10.19 -16.79 -6.63
N VAL A 142 -10.46 -16.95 -5.35
CA VAL A 142 -11.39 -16.09 -4.62
C VAL A 142 -10.64 -14.79 -4.27
N LEU A 143 -11.01 -13.69 -4.94
CA LEU A 143 -10.32 -12.41 -4.77
C LEU A 143 -11.11 -11.54 -3.80
N VAL A 144 -10.47 -11.13 -2.71
CA VAL A 144 -11.08 -10.25 -1.72
C VAL A 144 -10.35 -8.91 -1.71
N SER A 145 -11.10 -7.82 -1.57
CA SER A 145 -10.49 -6.53 -1.31
C SER A 145 -11.13 -6.00 -0.04
N LEU A 146 -10.31 -5.60 0.93
CA LEU A 146 -10.83 -5.09 2.18
C LEU A 146 -10.75 -3.56 2.21
N SER A 147 -11.08 -2.99 3.36
CA SER A 147 -11.00 -1.55 3.53
C SER A 147 -10.62 -1.30 4.97
N TYR A 148 -10.19 -0.07 5.25
CA TYR A 148 -9.75 0.30 6.58
C TYR A 148 -9.75 1.81 6.70
N ARG A 149 -9.88 2.29 7.93
CA ARG A 149 -9.92 3.72 8.17
C ARG A 149 -8.55 4.35 7.91
N VAL A 150 -8.55 5.54 7.29
CA VAL A 150 -7.31 6.24 6.98
C VAL A 150 -7.31 7.61 7.66
N GLY A 151 -6.19 8.33 7.55
CA GLY A 151 -6.10 9.63 8.16
C GLY A 151 -6.26 9.54 9.66
N ALA A 152 -6.70 10.65 10.26
CA ALA A 152 -6.86 10.66 11.70
C ALA A 152 -7.86 9.60 12.16
N PHE A 153 -8.85 9.28 11.33
CA PHE A 153 -9.88 8.31 11.72
C PHE A 153 -9.27 6.94 11.95
N GLY A 154 -8.14 6.64 11.32
CA GLY A 154 -7.58 5.31 11.39
C GLY A 154 -6.29 5.26 12.18
N PHE A 155 -5.70 6.42 12.47
CA PHE A 155 -4.35 6.41 13.00
C PHE A 155 -4.04 7.52 13.98
N LEU A 156 -5.00 8.35 14.38
CA LEU A 156 -4.78 9.21 15.54
C LEU A 156 -4.32 8.36 16.72
N ALA A 157 -3.21 8.75 17.35
CA ALA A 157 -2.51 7.91 18.31
C ALA A 157 -2.25 8.68 19.59
N LEU A 158 -3.02 8.38 20.64
CA LEU A 158 -2.78 8.93 21.97
C LEU A 158 -2.39 7.76 22.85
N HIS A 159 -1.15 7.30 22.69
CA HIS A 159 -0.75 6.07 23.34
C HIS A 159 -1.01 6.14 24.83
N GLY A 160 -1.67 5.10 25.36
CA GLY A 160 -2.10 5.07 26.75
C GLY A 160 -3.58 5.29 26.94
N SER A 161 -4.25 5.92 25.98
CA SER A 161 -5.69 6.03 26.02
C SER A 161 -6.31 4.77 25.45
N GLN A 162 -7.50 4.44 25.94
CA GLN A 162 -8.23 3.33 25.33
C GLN A 162 -9.18 3.79 24.23
N GLU A 163 -9.47 5.08 24.16
CA GLU A 163 -10.41 5.59 23.17
C GLU A 163 -9.75 6.04 21.87
N ALA A 164 -8.45 6.33 21.85
CA ALA A 164 -7.71 6.61 20.61
C ALA A 164 -6.30 6.05 20.74
N PRO A 165 -6.15 4.72 20.69
CA PRO A 165 -4.84 4.10 20.99
C PRO A 165 -3.87 4.05 19.82
N GLY A 166 -4.29 4.35 18.59
CA GLY A 166 -3.45 4.18 17.43
C GLY A 166 -3.69 2.85 16.75
N ASN A 167 -3.23 2.76 15.50
CA ASN A 167 -3.25 1.55 14.69
C ASN A 167 -4.66 0.98 14.44
N VAL A 168 -5.72 1.73 14.75
CA VAL A 168 -7.04 1.11 14.60
C VAL A 168 -7.30 0.81 13.13
N GLY A 169 -6.74 1.62 12.23
CA GLY A 169 -6.82 1.25 10.82
C GLY A 169 -6.20 -0.10 10.53
N LEU A 170 -5.04 -0.38 11.14
CA LEU A 170 -4.44 -1.71 11.00
C LEU A 170 -5.32 -2.79 11.67
N LEU A 171 -5.97 -2.44 12.79
CA LEU A 171 -6.91 -3.38 13.41
C LEU A 171 -8.13 -3.61 12.50
N ASP A 172 -8.63 -2.56 11.82
CA ASP A 172 -9.68 -2.76 10.82
C ASP A 172 -9.27 -3.83 9.82
N GLN A 173 -8.04 -3.74 9.32
CA GLN A 173 -7.56 -4.71 8.34
C GLN A 173 -7.51 -6.12 8.95
N ARG A 174 -7.06 -6.22 10.20
CA ARG A 174 -7.01 -7.53 10.84
C ARG A 174 -8.41 -8.12 10.94
N MET A 175 -9.38 -7.33 11.41
CA MET A 175 -10.74 -7.84 11.57
C MET A 175 -11.32 -8.33 10.26
N ALA A 176 -11.05 -7.62 9.15
CA ALA A 176 -11.43 -8.16 7.85
C ALA A 176 -10.71 -9.46 7.58
N LEU A 177 -9.40 -9.52 7.88
CA LEU A 177 -8.69 -10.79 7.71
C LEU A 177 -9.29 -11.87 8.59
N GLN A 178 -9.68 -11.51 9.82
CA GLN A 178 -10.39 -12.44 10.70
C GLN A 178 -11.70 -12.90 10.09
N TRP A 179 -12.48 -11.96 9.54
CA TRP A 179 -13.75 -12.33 8.93
C TRP A 179 -13.53 -13.25 7.73
N VAL A 180 -12.53 -12.95 6.90
CA VAL A 180 -12.21 -13.87 5.81
C VAL A 180 -11.85 -15.22 6.37
N HIS A 181 -11.17 -15.21 7.51
CA HIS A 181 -10.66 -16.43 8.11
C HIS A 181 -11.82 -17.34 8.51
N ASP A 182 -12.85 -16.77 9.15
CA ASP A 182 -13.96 -17.54 9.66
C ASP A 182 -15.05 -17.79 8.65
N ASN A 183 -15.02 -17.13 7.48
CA ASN A 183 -16.18 -17.13 6.61
C ASN A 183 -15.88 -17.38 5.14
N ILE A 184 -14.61 -17.43 4.71
CA ILE A 184 -14.36 -17.52 3.27
C ILE A 184 -14.62 -18.91 2.71
N GLN A 185 -14.71 -19.93 3.56
CA GLN A 185 -15.07 -21.26 3.06
C GLN A 185 -16.41 -21.19 2.31
N PHE A 186 -17.41 -20.60 2.94
CA PHE A 186 -18.76 -20.49 2.38
C PHE A 186 -18.76 -19.91 0.98
N PHE A 187 -17.66 -19.28 0.55
CA PHE A 187 -17.59 -18.75 -0.80
C PHE A 187 -16.71 -19.59 -1.71
N GLY A 188 -16.40 -20.81 -1.30
CA GLY A 188 -15.49 -21.63 -2.07
C GLY A 188 -14.04 -21.37 -1.79
N GLY A 189 -13.74 -20.66 -0.71
CA GLY A 189 -12.38 -20.25 -0.40
C GLY A 189 -11.73 -21.12 0.68
N ASP A 190 -10.45 -21.41 0.46
CA ASP A 190 -9.64 -22.17 1.42
C ASP A 190 -9.02 -21.22 2.44
N PRO A 191 -9.48 -21.19 3.69
CA PRO A 191 -8.91 -20.24 4.66
C PRO A 191 -7.46 -20.52 5.01
N LYS A 192 -6.95 -21.70 4.66
CA LYS A 192 -5.57 -22.12 4.94
C LYS A 192 -4.59 -21.61 3.89
N THR A 193 -5.10 -21.04 2.81
CA THR A 193 -4.29 -20.62 1.68
C THR A 193 -4.64 -19.18 1.28
N VAL A 194 -4.56 -18.28 2.26
CA VAL A 194 -4.81 -16.85 2.07
C VAL A 194 -3.49 -16.14 1.85
N THR A 195 -3.38 -15.45 0.71
CA THR A 195 -2.27 -14.55 0.41
C THR A 195 -2.77 -13.11 0.55
N ILE A 196 -2.11 -12.34 1.39
CA ILE A 196 -2.40 -10.91 1.44
C ILE A 196 -1.46 -10.18 0.51
N PHE A 197 -1.98 -9.17 -0.19
CA PHE A 197 -1.14 -8.37 -1.05
C PHE A 197 -1.67 -6.94 -1.10
N GLY A 198 -0.79 -6.03 -1.53
CA GLY A 198 -1.04 -4.60 -1.33
C GLY A 198 0.11 -3.76 -1.84
N GLU A 199 -0.16 -2.50 -2.18
CA GLU A 199 0.80 -1.64 -2.84
C GLU A 199 1.01 -0.40 -1.98
N SER A 200 2.25 0.07 -1.92
CA SER A 200 2.60 1.30 -1.18
C SER A 200 2.20 1.12 0.28
N ALA A 201 1.34 1.98 0.84
CA ALA A 201 0.91 1.79 2.23
C ALA A 201 0.24 0.43 2.42
N GLY A 202 -0.37 -0.12 1.37
CA GLY A 202 -0.89 -1.47 1.47
C GLY A 202 0.23 -2.50 1.54
N GLY A 203 1.33 -2.26 0.83
CA GLY A 203 2.48 -3.13 0.97
C GLY A 203 3.14 -3.04 2.33
N ALA A 204 3.27 -1.81 2.87
CA ALA A 204 3.75 -1.69 4.23
C ALA A 204 2.82 -2.38 5.22
N SER A 205 1.49 -2.24 5.01
CA SER A 205 0.51 -2.91 5.87
C SER A 205 0.73 -4.42 5.88
N VAL A 206 0.95 -5.02 4.71
CA VAL A 206 1.23 -6.45 4.63
C VAL A 206 2.42 -6.81 5.51
N GLY A 207 3.54 -6.10 5.32
CA GLY A 207 4.71 -6.34 6.15
C GLY A 207 4.39 -6.20 7.63
N MET A 208 3.51 -5.25 7.96
CA MET A 208 3.19 -5.06 9.37
C MET A 208 2.36 -6.20 9.93
N HIS A 209 1.53 -6.85 9.09
CA HIS A 209 0.85 -8.04 9.56
C HIS A 209 1.80 -9.22 9.64
N ILE A 210 2.80 -9.28 8.74
CA ILE A 210 3.85 -10.27 8.88
C ILE A 210 4.54 -10.14 10.23
N LEU A 211 4.75 -8.91 10.66
CA LEU A 211 5.44 -8.67 11.92
C LEU A 211 4.52 -8.87 13.13
N SER A 212 3.26 -8.46 13.03
CA SER A 212 2.42 -8.38 14.23
C SER A 212 2.01 -9.77 14.69
N PRO A 213 2.25 -10.15 15.95
CA PRO A 213 1.81 -11.48 16.42
C PRO A 213 0.32 -11.69 16.26
N GLY A 214 -0.50 -10.67 16.55
CA GLY A 214 -1.94 -10.82 16.44
C GLY A 214 -2.48 -11.04 15.04
N SER A 215 -1.63 -10.94 14.02
CA SER A 215 -2.09 -11.10 12.66
C SER A 215 -1.55 -12.34 11.97
N ARG A 216 -0.48 -12.93 12.50
CA ARG A 216 0.29 -13.89 11.72
C ARG A 216 -0.51 -15.12 11.33
N ASP A 217 -1.43 -15.54 12.19
CA ASP A 217 -2.17 -16.76 11.89
C ASP A 217 -3.26 -16.56 10.85
N LEU A 218 -3.55 -15.33 10.45
CA LEU A 218 -4.70 -15.07 9.60
C LEU A 218 -4.41 -15.20 8.10
N PHE A 219 -3.17 -15.50 7.71
CA PHE A 219 -2.86 -15.66 6.30
C PHE A 219 -1.73 -16.66 6.17
N ARG A 220 -1.47 -17.08 4.92
CA ARG A 220 -0.44 -18.06 4.62
C ARG A 220 0.85 -17.44 4.09
N ARG A 221 0.76 -16.54 3.10
CA ARG A 221 1.93 -15.86 2.58
C ARG A 221 1.51 -14.48 2.06
N ALA A 222 2.48 -13.75 1.47
CA ALA A 222 2.33 -12.30 1.35
C ALA A 222 3.05 -11.77 0.13
N ILE A 223 2.47 -10.72 -0.46
CA ILE A 223 3.06 -9.99 -1.57
C ILE A 223 3.08 -8.49 -1.23
N LEU A 224 4.26 -7.87 -1.34
CA LEU A 224 4.46 -6.45 -1.05
C LEU A 224 4.88 -5.73 -2.33
N GLN A 225 4.11 -4.72 -2.74
CA GLN A 225 4.40 -3.96 -3.96
C GLN A 225 4.76 -2.52 -3.62
N SER A 226 6.01 -2.13 -3.88
CA SER A 226 6.51 -0.76 -3.63
C SER A 226 6.13 -0.29 -2.22
N GLY A 227 6.36 -1.12 -1.22
CA GLY A 227 6.11 -0.72 0.15
C GLY A 227 6.66 -1.76 1.11
N SER A 228 7.15 -1.35 2.27
CA SER A 228 7.57 -2.30 3.29
C SER A 228 7.37 -1.66 4.65
N PRO A 229 7.34 -2.46 5.72
CA PRO A 229 6.90 -1.92 7.01
C PRO A 229 7.84 -0.89 7.57
N ASN A 230 9.13 -0.93 7.20
CA ASN A 230 10.14 -0.04 7.74
C ASN A 230 10.32 1.23 6.93
N CYS A 231 9.40 1.53 6.01
CA CYS A 231 9.54 2.75 5.22
C CYS A 231 9.54 3.96 6.14
N PRO A 232 10.33 5.00 5.84
CA PRO A 232 10.44 6.13 6.79
C PRO A 232 9.14 6.86 7.01
N TRP A 233 8.20 6.76 6.07
CA TRP A 233 6.90 7.41 6.17
C TRP A 233 5.82 6.52 6.77
N ALA A 234 6.08 5.21 6.95
CA ALA A 234 5.02 4.27 7.30
C ALA A 234 4.79 4.10 8.80
N SER A 235 5.57 4.76 9.67
CA SER A 235 5.29 4.66 11.10
C SER A 235 5.91 5.86 11.81
N VAL A 236 5.41 6.12 13.02
CA VAL A 236 5.98 7.14 13.89
C VAL A 236 6.13 6.57 15.29
N SER A 237 6.96 7.25 16.09
CA SER A 237 7.07 6.88 17.48
C SER A 237 5.80 7.23 18.24
N VAL A 238 5.62 6.58 19.39
CA VAL A 238 4.53 6.95 20.30
C VAL A 238 4.59 8.43 20.61
N ALA A 239 5.79 8.95 20.93
CA ALA A 239 5.91 10.38 21.25
C ALA A 239 5.45 11.26 20.09
N GLU A 240 5.84 10.92 18.85
CA GLU A 240 5.52 11.79 17.73
C GLU A 240 4.05 11.69 17.36
N GLY A 241 3.45 10.50 17.51
CA GLY A 241 2.01 10.38 17.30
C GLY A 241 1.22 11.22 18.29
N ARG A 242 1.65 11.22 19.55
CA ARG A 242 1.00 12.07 20.54
C ARG A 242 1.17 13.53 20.19
N ARG A 243 2.38 13.93 19.78
CA ARG A 243 2.60 15.31 19.39
C ARG A 243 1.63 15.72 18.29
N ARG A 244 1.48 14.86 17.27
CA ARG A 244 0.63 15.20 16.14
C ARG A 244 -0.85 15.25 16.54
N ALA A 245 -1.32 14.28 17.34
CA ALA A 245 -2.70 14.28 17.82
C ALA A 245 -3.03 15.57 18.57
N VAL A 246 -2.14 15.96 19.48
CA VAL A 246 -2.33 17.21 20.23
C VAL A 246 -2.33 18.41 19.27
N GLU A 247 -1.42 18.41 18.29
CA GLU A 247 -1.38 19.51 17.33
C GLU A 247 -2.65 19.56 16.48
N LEU A 248 -3.26 18.41 16.19
CA LEU A 248 -4.54 18.40 15.48
C LEU A 248 -5.60 19.12 16.30
N GLY A 249 -5.73 18.73 17.57
CA GLY A 249 -6.63 19.46 18.46
C GLY A 249 -6.30 20.93 18.54
N ARG A 250 -5.02 21.26 18.67
CA ARG A 250 -4.63 22.67 18.71
C ARG A 250 -5.12 23.40 17.46
N ASN A 251 -5.05 22.75 16.31
CA ASN A 251 -5.50 23.38 15.07
C ASN A 251 -7.01 23.62 15.07
N LEU A 252 -7.76 22.82 15.82
CA LEU A 252 -9.22 22.92 15.85
C LEU A 252 -9.72 23.55 17.15
N ASN A 253 -8.83 24.15 17.93
CA ASN A 253 -9.19 24.92 19.14
C ASN A 253 -9.81 24.02 20.21
N CYS A 254 -9.15 22.89 20.48
CA CYS A 254 -9.67 21.91 21.41
C CYS A 254 -9.11 22.13 22.82
N ASN A 255 -9.85 21.63 23.82
CA ASN A 255 -9.30 21.41 25.14
C ASN A 255 -8.18 20.40 25.04
N LEU A 256 -6.98 20.78 25.50
CA LEU A 256 -5.83 19.88 25.44
C LEU A 256 -5.38 19.39 26.82
N ASN A 257 -6.06 19.81 27.89
CA ASN A 257 -5.66 19.47 29.25
C ASN A 257 -5.50 17.97 29.47
N SER A 258 -6.13 17.13 28.67
CA SER A 258 -6.15 15.70 28.95
C SER A 258 -6.55 14.95 27.69
N ASP A 259 -6.11 13.70 27.60
CA ASP A 259 -6.53 12.87 26.48
C ASP A 259 -8.04 12.86 26.35
N GLU A 260 -8.74 12.69 27.48
CA GLU A 260 -10.19 12.58 27.45
C GLU A 260 -10.84 13.82 26.85
N GLU A 261 -10.40 15.01 27.27
CA GLU A 261 -10.98 16.23 26.71
C GLU A 261 -10.59 16.40 25.24
N LEU A 262 -9.31 16.18 24.91
CA LEU A 262 -8.88 16.25 23.51
C LEU A 262 -9.73 15.34 22.63
N ILE A 263 -9.88 14.08 23.03
CA ILE A 263 -10.60 13.12 22.20
C ILE A 263 -12.08 13.48 22.11
N HIS A 264 -12.66 14.02 23.18
CA HIS A 264 -14.05 14.42 23.11
C HIS A 264 -14.24 15.52 22.08
N CYS A 265 -13.41 16.56 22.14
CA CYS A 265 -13.44 17.62 21.14
C CYS A 265 -13.32 17.04 19.73
N LEU A 266 -12.32 16.19 19.49
CA LEU A 266 -12.10 15.67 18.14
C LEU A 266 -13.26 14.82 17.68
N ARG A 267 -13.94 14.13 18.59
CA ARG A 267 -15.08 13.30 18.22
C ARG A 267 -16.30 14.14 17.84
N GLU A 268 -16.36 15.40 18.26
CA GLU A 268 -17.49 16.27 17.96
C GLU A 268 -17.31 17.11 16.70
N LYS A 269 -16.15 17.05 16.06
CA LYS A 269 -15.92 17.77 14.81
C LYS A 269 -16.48 16.97 13.64
N LYS A 270 -16.90 17.68 12.60
CA LYS A 270 -17.32 17.00 11.39
C LYS A 270 -16.09 16.38 10.71
N PRO A 271 -16.27 15.26 10.00
CA PRO A 271 -15.11 14.66 9.30
C PRO A 271 -14.29 15.67 8.54
N GLN A 272 -14.95 16.58 7.81
CA GLN A 272 -14.23 17.47 6.92
C GLN A 272 -13.40 18.48 7.69
N GLU A 273 -13.81 18.83 8.91
CA GLU A 273 -12.99 19.76 9.70
C GLU A 273 -11.69 19.12 10.13
N LEU A 274 -11.67 17.80 10.32
CA LEU A 274 -10.42 17.12 10.61
C LEU A 274 -9.56 17.04 9.36
N ILE A 275 -10.17 16.69 8.24
CA ILE A 275 -9.44 16.54 6.99
C ILE A 275 -8.78 17.86 6.58
N ASP A 276 -9.49 18.99 6.77
CA ASP A 276 -8.98 20.27 6.29
C ASP A 276 -7.73 20.74 7.00
N VAL A 277 -7.42 20.22 8.18
CA VAL A 277 -6.19 20.61 8.88
C VAL A 277 -5.22 19.44 8.99
N GLU A 278 -5.54 18.31 8.37
CA GLU A 278 -4.73 17.11 8.53
C GLU A 278 -3.25 17.39 8.26
N TRP A 279 -2.92 18.12 7.19
CA TRP A 279 -1.51 18.26 6.82
C TRP A 279 -0.74 19.20 7.72
N ASN A 280 -1.42 20.01 8.56
CA ASN A 280 -0.73 21.00 9.40
C ASN A 280 0.09 20.37 10.53
N VAL A 281 -0.11 19.09 10.84
CA VAL A 281 0.56 18.52 12.02
C VAL A 281 1.94 17.97 11.69
N LEU A 282 2.29 17.88 10.40
CA LEU A 282 3.62 17.43 9.99
C LEU A 282 4.70 18.33 10.59
N PRO A 283 5.77 17.76 11.13
CA PRO A 283 6.81 18.60 11.75
C PRO A 283 7.61 19.42 10.74
N PHE A 284 7.60 19.05 9.45
CA PHE A 284 8.49 19.67 8.48
C PHE A 284 7.73 19.94 7.19
N ASP A 285 8.20 20.92 6.43
CA ASP A 285 7.86 20.96 5.01
C ASP A 285 8.50 19.76 4.33
N SER A 286 7.72 18.98 3.60
CA SER A 286 8.25 17.71 3.14
C SER A 286 7.42 17.16 2.00
N ILE A 287 7.96 16.14 1.34
CA ILE A 287 7.17 15.28 0.46
C ILE A 287 7.36 13.84 0.94
N PHE A 288 6.39 12.99 0.56
CA PHE A 288 6.40 11.59 0.97
C PHE A 288 6.41 11.47 2.49
N ARG A 289 5.61 12.31 3.16
CA ARG A 289 5.40 12.28 4.59
C ARG A 289 3.90 12.51 4.85
N PHE A 290 3.32 11.72 5.73
CA PHE A 290 1.88 11.74 5.96
C PHE A 290 1.59 11.82 7.46
N SER A 291 0.48 12.47 7.82
CA SER A 291 0.32 12.90 9.21
C SER A 291 0.04 11.74 10.15
N PHE A 292 -0.97 10.95 9.86
CA PHE A 292 -1.44 9.91 10.79
C PHE A 292 -1.17 8.55 10.20
N VAL A 293 -0.18 7.86 10.76
CA VAL A 293 0.31 6.57 10.28
C VAL A 293 0.45 5.61 11.47
N PRO A 294 0.72 4.34 11.23
CA PRO A 294 0.97 3.40 12.32
C PRO A 294 1.98 3.93 13.32
N VAL A 295 1.80 3.51 14.58
CA VAL A 295 2.57 3.99 15.70
C VAL A 295 3.25 2.79 16.33
N ILE A 296 4.52 2.93 16.71
CA ILE A 296 5.26 1.82 17.33
C ILE A 296 4.88 1.77 18.80
N ASP A 297 3.89 0.93 19.14
CA ASP A 297 3.15 1.04 20.38
C ASP A 297 3.55 0.04 21.46
N GLY A 298 4.23 -1.04 21.11
CA GLY A 298 4.50 -2.09 22.07
C GLY A 298 3.43 -3.16 22.16
N GLU A 299 2.30 -2.98 21.46
CA GLU A 299 1.23 -3.98 21.44
C GLU A 299 1.12 -4.57 20.03
N PHE A 300 0.53 -3.85 19.08
CA PHE A 300 0.53 -4.33 17.71
C PHE A 300 1.94 -4.68 17.24
N PHE A 301 2.93 -3.85 17.61
CA PHE A 301 4.34 -4.15 17.39
C PHE A 301 5.02 -4.32 18.75
N PRO A 302 5.39 -5.54 19.14
CA PRO A 302 5.96 -5.72 20.50
C PRO A 302 7.23 -4.93 20.77
N THR A 303 8.13 -4.81 19.79
CA THR A 303 9.30 -3.95 19.94
C THR A 303 9.49 -3.13 18.68
N SER A 304 10.63 -2.45 18.54
CA SER A 304 10.93 -1.69 17.33
C SER A 304 10.99 -2.61 16.12
N LEU A 305 10.66 -2.07 14.95
CA LEU A 305 10.68 -2.89 13.74
C LEU A 305 12.06 -3.50 13.50
N GLU A 306 13.11 -2.69 13.64
CA GLU A 306 14.45 -3.21 13.40
C GLU A 306 14.77 -4.36 14.36
N SER A 307 14.43 -4.20 15.64
CA SER A 307 14.74 -5.28 16.58
C SER A 307 13.93 -6.53 16.24
N MET A 308 12.68 -6.36 15.80
CA MET A 308 11.92 -7.52 15.35
C MET A 308 12.56 -8.17 14.12
N LEU A 309 13.00 -7.35 13.15
CA LEU A 309 13.60 -7.90 11.95
C LEU A 309 14.92 -8.60 12.26
N ASN A 310 15.68 -8.08 13.22
CA ASN A 310 17.00 -8.67 13.50
C ASN A 310 16.87 -10.01 14.19
N SER A 311 15.94 -10.13 15.12
CA SER A 311 15.77 -11.33 15.92
C SER A 311 14.89 -12.40 15.27
N GLY A 312 14.35 -12.15 14.07
CA GLY A 312 13.44 -13.12 13.47
C GLY A 312 12.06 -13.17 14.08
N ASN A 313 11.65 -12.11 14.79
CA ASN A 313 10.35 -12.05 15.45
C ASN A 313 9.28 -11.60 14.44
N PHE A 314 8.95 -12.52 13.53
CA PHE A 314 7.94 -12.28 12.51
C PHE A 314 7.52 -13.60 11.88
N LYS A 315 6.36 -13.58 11.20
CA LYS A 315 5.87 -14.76 10.52
C LYS A 315 6.86 -15.21 9.45
N LYS A 316 7.34 -16.45 9.57
CA LYS A 316 8.30 -17.02 8.63
C LYS A 316 7.56 -17.81 7.56
N THR A 317 7.53 -17.29 6.34
CA THR A 317 6.87 -17.97 5.23
C THR A 317 7.51 -17.48 3.93
N GLN A 318 6.80 -17.64 2.80
CA GLN A 318 7.25 -17.13 1.51
C GLN A 318 6.69 -15.72 1.22
N ILE A 319 7.52 -14.87 0.62
CA ILE A 319 7.13 -13.51 0.24
C ILE A 319 7.56 -13.28 -1.20
N LEU A 320 6.74 -12.51 -1.92
CA LEU A 320 7.06 -12.02 -3.25
C LEU A 320 6.87 -10.50 -3.25
N LEU A 321 7.86 -9.76 -3.76
CA LEU A 321 7.81 -8.30 -3.59
C LEU A 321 8.74 -7.65 -4.60
N GLY A 322 8.61 -6.34 -4.73
CA GLY A 322 9.36 -5.62 -5.75
C GLY A 322 9.00 -4.14 -5.74
N VAL A 323 9.58 -3.42 -6.70
CA VAL A 323 9.43 -1.97 -6.81
C VAL A 323 9.31 -1.59 -8.28
N ASN A 324 8.95 -0.33 -8.52
CA ASN A 324 8.92 0.24 -9.86
C ASN A 324 10.15 1.11 -10.10
N LYS A 325 10.43 1.35 -11.38
CA LYS A 325 11.68 2.03 -11.73
C LYS A 325 11.70 3.49 -11.28
N ASP A 326 10.58 4.21 -11.37
CA ASP A 326 10.58 5.65 -11.08
C ASP A 326 9.62 5.96 -9.95
N GLU A 327 9.99 5.55 -8.74
CA GLU A 327 9.07 5.66 -7.61
C GLU A 327 8.87 7.11 -7.18
N GLY A 328 9.85 7.98 -7.39
CA GLY A 328 9.74 9.30 -6.80
C GLY A 328 8.92 10.31 -7.56
N SER A 329 8.66 10.08 -8.86
CA SER A 329 8.25 11.17 -9.72
C SER A 329 6.87 11.72 -9.33
N PHE A 330 5.96 10.84 -8.91
CA PHE A 330 4.64 11.28 -8.47
C PHE A 330 4.73 12.37 -7.38
N PHE A 331 5.55 12.12 -6.37
CA PHE A 331 5.61 13.03 -5.23
C PHE A 331 6.34 14.32 -5.58
N LEU A 332 7.31 14.26 -6.49
CA LEU A 332 7.99 15.45 -6.95
C LEU A 332 7.02 16.36 -7.71
N LEU A 333 6.27 15.77 -8.64
CA LEU A 333 5.31 16.54 -9.40
C LEU A 333 4.37 17.31 -8.48
N TYR A 334 3.86 16.66 -7.43
CA TYR A 334 2.88 17.30 -6.56
C TYR A 334 3.51 18.28 -5.58
N GLY A 335 4.76 18.07 -5.18
CA GLY A 335 5.22 18.83 -4.03
C GLY A 335 6.56 19.53 -4.13
N ALA A 336 7.28 19.40 -5.24
CA ALA A 336 8.61 19.99 -5.27
C ALA A 336 8.69 21.08 -6.34
N PRO A 337 9.48 22.12 -6.11
CA PRO A 337 9.50 23.23 -7.07
C PRO A 337 10.19 22.84 -8.35
N GLY A 338 9.68 23.38 -9.46
CA GLY A 338 10.24 23.18 -10.77
C GLY A 338 9.61 22.07 -11.57
N PHE A 339 8.77 21.25 -10.96
CA PHE A 339 8.16 20.14 -11.66
C PHE A 339 6.82 20.57 -12.22
N SER A 340 6.46 19.99 -13.35
CA SER A 340 5.27 20.35 -14.09
C SER A 340 4.77 19.15 -14.85
N LYS A 341 3.47 18.99 -14.86
CA LYS A 341 2.82 18.03 -15.72
C LYS A 341 2.87 18.42 -17.19
N ASP A 342 3.20 19.69 -17.50
CA ASP A 342 3.13 20.24 -18.86
C ASP A 342 4.49 20.55 -19.47
N SER A 343 5.57 20.00 -18.93
CA SER A 343 6.91 20.26 -19.48
C SER A 343 7.86 19.16 -18.99
N GLU A 344 9.05 19.15 -19.60
CA GLU A 344 10.09 18.17 -19.28
C GLU A 344 10.65 18.30 -17.87
N SER A 345 10.33 19.39 -17.16
CA SER A 345 10.72 19.61 -15.76
C SER A 345 12.23 19.53 -15.54
N LYS A 346 12.99 20.18 -16.43
CA LYS A 346 14.40 20.40 -16.16
C LYS A 346 14.56 21.18 -14.87
N ILE A 347 15.36 20.67 -13.94
CA ILE A 347 15.43 21.22 -12.60
C ILE A 347 16.73 21.99 -12.43
N SER A 348 16.60 23.25 -12.03
CA SER A 348 17.75 24.12 -11.79
C SER A 348 18.48 23.69 -10.52
N ARG A 349 19.74 24.08 -10.43
CA ARG A 349 20.52 23.80 -9.22
C ARG A 349 19.80 24.33 -7.99
N GLU A 350 19.26 25.53 -8.08
CA GLU A 350 18.52 26.10 -6.95
C GLU A 350 17.31 25.23 -6.57
N ASP A 351 16.57 24.72 -7.56
CA ASP A 351 15.41 23.90 -7.24
C ASP A 351 15.83 22.50 -6.79
N PHE A 352 16.93 21.97 -7.34
CA PHE A 352 17.47 20.71 -6.84
C PHE A 352 17.70 20.79 -5.33
N MET A 353 18.36 21.86 -4.87
CA MET A 353 18.65 22.01 -3.45
CA MET A 353 18.65 21.99 -3.45
C MET A 353 17.37 22.07 -2.64
N SER A 354 16.37 22.81 -3.12
CA SER A 354 15.08 22.83 -2.43
C SER A 354 14.47 21.44 -2.37
N GLY A 355 14.47 20.73 -3.52
CA GLY A 355 13.93 19.38 -3.53
C GLY A 355 14.64 18.45 -2.56
N VAL A 356 15.97 18.52 -2.49
CA VAL A 356 16.68 17.63 -1.58
C VAL A 356 16.22 17.85 -0.15
N LYS A 357 16.02 19.11 0.26
CA LYS A 357 15.57 19.37 1.63
C LYS A 357 14.14 18.86 1.85
N LEU A 358 13.25 19.02 0.87
CA LEU A 358 11.89 18.49 1.02
C LEU A 358 11.90 16.97 1.11
N SER A 359 12.82 16.30 0.40
CA SER A 359 12.84 14.85 0.35
C SER A 359 13.44 14.22 1.58
N VAL A 360 14.36 14.91 2.26
CA VAL A 360 15.02 14.34 3.42
C VAL A 360 14.82 15.34 4.54
N PRO A 361 13.56 15.62 4.92
CA PRO A 361 13.27 16.74 5.83
C PRO A 361 13.84 16.56 7.22
N HIS A 362 14.09 15.33 7.65
CA HIS A 362 14.66 15.13 8.97
C HIS A 362 16.17 15.35 9.00
N ALA A 363 16.82 15.54 7.85
CA ALA A 363 18.26 15.62 7.82
C ALA A 363 18.75 16.99 8.24
N ASN A 364 19.86 17.03 8.99
CA ASN A 364 20.57 18.27 9.27
C ASN A 364 21.34 18.69 8.01
N ASP A 365 22.01 19.85 8.08
CA ASP A 365 22.67 20.38 6.89
C ASP A 365 23.80 19.47 6.41
N LEU A 366 24.58 18.90 7.32
CA LEU A 366 25.61 17.96 6.89
C LEU A 366 24.99 16.77 6.15
N GLY A 367 23.82 16.32 6.60
CA GLY A 367 23.14 15.23 5.91
C GLY A 367 22.69 15.63 4.52
N LEU A 368 22.19 16.86 4.37
CA LEU A 368 21.76 17.34 3.07
C LEU A 368 22.95 17.43 2.10
N ASP A 369 24.10 17.90 2.58
CA ASP A 369 25.29 17.87 1.73
C ASP A 369 25.66 16.45 1.32
N ALA A 370 25.58 15.50 2.26
CA ALA A 370 25.90 14.13 1.90
C ALA A 370 24.97 13.61 0.80
N VAL A 371 23.65 13.84 0.94
CA VAL A 371 22.71 13.42 -0.09
C VAL A 371 23.08 14.08 -1.41
N THR A 372 23.32 15.40 -1.37
CA THR A 372 23.62 16.17 -2.58
C THR A 372 24.85 15.62 -3.29
N LEU A 373 25.92 15.36 -2.54
CA LEU A 373 27.14 14.86 -3.15
C LEU A 373 26.94 13.47 -3.74
N GLN A 374 26.18 12.63 -3.05
CA GLN A 374 25.94 11.29 -3.55
C GLN A 374 25.18 11.32 -4.86
N TYR A 375 24.40 12.36 -5.14
CA TYR A 375 23.50 12.33 -6.29
C TYR A 375 23.78 13.40 -7.32
N THR A 376 24.86 14.16 -7.17
CA THR A 376 25.20 15.23 -8.09
C THR A 376 26.34 14.79 -8.98
N ASP A 377 26.18 14.98 -10.29
CA ASP A 377 27.27 14.76 -11.23
C ASP A 377 28.06 16.07 -11.34
N TRP A 378 29.22 16.12 -10.69
CA TRP A 378 29.99 17.36 -10.63
C TRP A 378 30.78 17.64 -11.91
N MET A 379 30.81 16.72 -12.86
CA MET A 379 31.23 17.07 -14.22
C MET A 379 30.16 17.86 -14.98
N ASP A 380 28.94 17.97 -14.43
CA ASP A 380 27.78 18.48 -15.17
C ASP A 380 26.67 18.95 -14.25
N ASP A 381 26.99 19.80 -13.26
CA ASP A 381 26.07 20.08 -12.16
C ASP A 381 24.87 20.95 -12.56
N ASN A 382 24.92 21.57 -13.74
CA ASN A 382 23.84 22.43 -14.22
C ASN A 382 22.95 21.76 -15.25
N ASN A 383 23.17 20.47 -15.52
CA ASN A 383 22.32 19.72 -16.42
C ASN A 383 20.95 19.54 -15.76
N GLY A 384 19.93 20.22 -16.31
CA GLY A 384 18.62 20.20 -15.68
C GLY A 384 17.97 18.82 -15.68
N ILE A 385 18.30 17.99 -16.67
CA ILE A 385 17.67 16.68 -16.74
C ILE A 385 18.29 15.75 -15.71
N LYS A 386 19.60 15.84 -15.50
CA LYS A 386 20.27 15.04 -14.48
C LYS A 386 19.77 15.40 -13.09
N ASN A 387 19.53 16.70 -12.83
CA ASN A 387 18.97 17.10 -11.55
C ASN A 387 17.57 16.52 -11.36
N ARG A 388 16.72 16.63 -12.38
CA ARG A 388 15.39 16.05 -12.31
C ARG A 388 15.46 14.56 -11.98
N ASP A 389 16.22 13.81 -12.76
CA ASP A 389 16.38 12.37 -12.52
C ASP A 389 17.03 12.07 -11.17
N GLY A 390 17.94 12.93 -10.72
CA GLY A 390 18.56 12.72 -9.42
C GLY A 390 17.55 12.81 -8.28
N LEU A 391 16.67 13.81 -8.33
CA LEU A 391 15.61 13.93 -7.33
C LEU A 391 14.68 12.72 -7.38
N ASP A 392 14.31 12.28 -8.59
CA ASP A 392 13.51 11.06 -8.71
C ASP A 392 14.19 9.90 -7.97
N ASP A 393 15.49 9.69 -8.20
CA ASP A 393 16.18 8.60 -7.51
C ASP A 393 16.24 8.83 -6.00
N ILE A 394 16.47 10.07 -5.57
CA ILE A 394 16.52 10.37 -4.14
C ILE A 394 15.21 9.99 -3.47
N VAL A 395 14.11 10.51 -4.00
CA VAL A 395 12.79 10.22 -3.42
C VAL A 395 12.52 8.72 -3.49
N GLY A 396 12.71 8.12 -4.68
CA GLY A 396 12.49 6.68 -4.82
C GLY A 396 13.35 5.84 -3.89
N ASP A 397 14.67 6.11 -3.87
CA ASP A 397 15.57 5.29 -3.07
C ASP A 397 15.29 5.44 -1.57
N HIS A 398 15.10 6.68 -1.10
CA HIS A 398 14.96 6.90 0.33
C HIS A 398 13.63 6.36 0.85
N ASN A 399 12.55 6.55 0.08
CA ASN A 399 11.22 6.26 0.58
C ASN A 399 10.72 4.85 0.24
N VAL A 400 11.22 4.23 -0.82
CA VAL A 400 10.64 2.94 -1.21
C VAL A 400 11.71 1.87 -1.40
N ILE A 401 12.63 2.07 -2.35
CA ILE A 401 13.49 0.98 -2.78
C ILE A 401 14.45 0.56 -1.67
N CYS A 402 15.15 1.51 -1.05
CA CYS A 402 16.16 1.08 -0.08
C CYS A 402 15.52 0.52 1.20
N PRO A 403 14.42 1.07 1.70
CA PRO A 403 13.76 0.39 2.84
C PRO A 403 13.29 -1.03 2.48
N LEU A 404 12.74 -1.21 1.28
CA LEU A 404 12.34 -2.55 0.86
C LEU A 404 13.55 -3.48 0.73
N MET A 405 14.66 -2.99 0.20
CA MET A 405 15.87 -3.83 0.14
C MET A 405 16.37 -4.19 1.54
N HIS A 406 16.27 -3.26 2.49
CA HIS A 406 16.63 -3.59 3.86
C HIS A 406 15.69 -4.65 4.42
N PHE A 407 14.38 -4.52 4.16
CA PHE A 407 13.43 -5.53 4.62
C PHE A 407 13.70 -6.88 3.98
N VAL A 408 13.99 -6.91 2.68
CA VAL A 408 14.14 -8.19 2.00
C VAL A 408 15.41 -8.90 2.49
N ASN A 409 16.48 -8.15 2.75
CA ASN A 409 17.69 -8.78 3.24
C ASN A 409 17.49 -9.29 4.66
N LYS A 410 16.84 -8.49 5.52
CA LYS A 410 16.57 -8.97 6.87
C LYS A 410 15.60 -10.15 6.86
N TYR A 411 14.54 -10.08 6.04
CA TYR A 411 13.55 -11.15 6.03
C TYR A 411 14.14 -12.47 5.57
N THR A 412 14.95 -12.42 4.51
CA THR A 412 15.44 -13.63 3.89
C THR A 412 16.31 -14.48 4.82
N LYS A 413 16.90 -13.88 5.86
CA LYS A 413 17.68 -14.68 6.80
C LYS A 413 16.82 -15.75 7.47
N PHE A 414 15.55 -15.44 7.74
CA PHE A 414 14.68 -16.34 8.48
C PHE A 414 13.52 -16.92 7.68
N GLY A 415 13.16 -16.34 6.54
CA GLY A 415 11.99 -16.76 5.80
C GLY A 415 12.17 -18.10 5.10
N ASN A 416 11.09 -18.53 4.44
CA ASN A 416 11.05 -19.79 3.71
C ASN A 416 11.06 -19.60 2.20
N GLY A 417 11.34 -18.38 1.71
CA GLY A 417 11.55 -18.16 0.29
C GLY A 417 11.18 -16.77 -0.17
N THR A 418 12.07 -16.13 -0.94
CA THR A 418 11.89 -14.75 -1.37
C THR A 418 12.01 -14.62 -2.88
N TYR A 419 11.08 -13.89 -3.48
CA TYR A 419 11.14 -13.55 -4.91
C TYR A 419 11.01 -12.04 -5.07
N LEU A 420 11.95 -11.44 -5.79
CA LEU A 420 12.09 -10.00 -5.89
C LEU A 420 11.98 -9.58 -7.34
N TYR A 421 11.19 -8.55 -7.63
CA TYR A 421 11.08 -8.04 -8.99
C TYR A 421 11.40 -6.54 -9.04
N PHE A 422 11.69 -6.09 -10.26
CA PHE A 422 11.94 -4.69 -10.60
C PHE A 422 11.06 -4.38 -11.81
N PHE A 423 9.91 -3.72 -11.57
CA PHE A 423 8.94 -3.42 -12.63
C PHE A 423 9.36 -2.16 -13.37
N ASN A 424 9.63 -2.27 -14.67
CA ASN A 424 10.12 -1.13 -15.43
C ASN A 424 9.49 -1.06 -16.81
N HIS A 425 8.20 -1.38 -16.92
CA HIS A 425 7.47 -1.18 -18.17
C HIS A 425 6.63 0.09 -18.07
N ARG A 426 6.79 1.02 -19.01
CA ARG A 426 5.93 2.19 -19.10
C ARG A 426 4.78 1.91 -20.07
N ALA A 427 3.56 1.88 -19.53
CA ALA A 427 2.39 1.57 -20.32
C ALA A 427 2.26 2.50 -21.52
N SER A 428 1.83 1.91 -22.64
CA SER A 428 1.66 2.66 -23.90
C SER A 428 0.68 3.80 -23.76
N ASN A 429 -0.34 3.65 -22.92
CA ASN A 429 -1.44 4.59 -22.83
C ASN A 429 -1.34 5.48 -21.58
N LEU A 430 -0.17 5.58 -20.96
CA LEU A 430 -0.05 6.40 -19.76
C LEU A 430 -0.44 7.84 -20.05
N VAL A 431 -1.24 8.43 -19.16
CA VAL A 431 -1.68 9.81 -19.36
C VAL A 431 -0.73 10.83 -18.74
N TRP A 432 0.20 10.40 -17.89
CA TRP A 432 1.18 11.29 -17.31
C TRP A 432 2.32 11.54 -18.30
N PRO A 433 3.06 12.64 -18.15
CA PRO A 433 4.14 12.93 -19.09
C PRO A 433 5.27 11.92 -19.01
N GLU A 434 6.12 11.96 -20.04
CA GLU A 434 7.08 10.89 -20.24
C GLU A 434 8.19 10.92 -19.21
N TRP A 435 8.56 12.12 -18.72
CA TRP A 435 9.66 12.18 -17.77
C TRP A 435 9.35 11.46 -16.47
N MET A 436 8.07 11.26 -16.14
CA MET A 436 7.71 10.60 -14.90
C MET A 436 7.98 9.11 -14.94
N GLY A 437 8.14 8.53 -16.13
CA GLY A 437 8.64 7.17 -16.24
C GLY A 437 7.62 6.13 -15.76
N VAL A 438 8.13 5.15 -15.04
CA VAL A 438 7.33 4.02 -14.57
C VAL A 438 6.87 4.38 -13.16
N ILE A 439 5.64 4.89 -13.07
CA ILE A 439 5.21 5.66 -11.92
C ILE A 439 4.79 4.76 -10.78
N HIS A 440 5.06 5.23 -9.56
CA HIS A 440 4.49 4.65 -8.35
C HIS A 440 3.01 4.35 -8.56
N GLY A 441 2.65 3.09 -8.37
CA GLY A 441 1.28 2.65 -8.50
C GLY A 441 0.91 2.08 -9.85
N TYR A 442 1.73 2.25 -10.86
CA TYR A 442 1.26 1.89 -12.18
C TYR A 442 1.61 0.47 -12.59
N GLU A 443 2.07 -0.36 -11.67
CA GLU A 443 2.05 -1.79 -11.91
C GLU A 443 0.74 -2.43 -11.48
N ILE A 444 -0.05 -1.74 -10.65
CA ILE A 444 -1.28 -2.33 -10.14
C ILE A 444 -2.19 -2.75 -11.29
N GLU A 445 -2.29 -1.94 -12.34
CA GLU A 445 -3.23 -2.26 -13.40
C GLU A 445 -2.84 -3.55 -14.11
N PHE A 446 -1.54 -3.87 -14.15
CA PHE A 446 -1.13 -5.14 -14.73
C PHE A 446 -1.42 -6.31 -13.78
N VAL A 447 -1.28 -6.10 -12.47
CA VAL A 447 -1.58 -7.17 -11.53
C VAL A 447 -3.05 -7.54 -11.57
N PHE A 448 -3.93 -6.57 -11.82
CA PHE A 448 -5.36 -6.83 -11.79
C PHE A 448 -5.95 -7.15 -13.18
N GLY A 449 -5.11 -7.27 -14.20
CA GLY A 449 -5.60 -7.73 -15.49
C GLY A 449 -6.25 -6.69 -16.37
N LEU A 450 -6.13 -5.40 -16.05
CA LEU A 450 -6.78 -4.39 -16.87
C LEU A 450 -6.36 -4.40 -18.34
N PRO A 451 -5.13 -4.83 -18.71
CA PRO A 451 -4.81 -4.86 -20.15
C PRO A 451 -5.50 -5.97 -20.93
N LEU A 452 -6.20 -6.90 -20.26
CA LEU A 452 -7.00 -7.90 -20.96
C LEU A 452 -8.29 -7.31 -21.54
N VAL A 453 -8.65 -6.08 -21.18
CA VAL A 453 -9.85 -5.43 -21.69
C VAL A 453 -9.46 -4.62 -22.91
N LYS A 454 -10.11 -4.91 -24.05
CA LYS A 454 -9.71 -4.22 -25.28
C LYS A 454 -10.16 -2.77 -25.30
N GLU A 455 -11.24 -2.41 -24.60
CA GLU A 455 -11.63 -1.00 -24.58
C GLU A 455 -10.64 -0.11 -23.87
N LEU A 456 -9.62 -0.68 -23.22
CA LEU A 456 -8.59 0.11 -22.55
C LEU A 456 -7.37 0.36 -23.43
N ASN A 457 -7.36 -0.17 -24.64
CA ASN A 457 -6.32 0.06 -25.64
C ASN A 457 -4.92 -0.08 -25.07
N TYR A 458 -4.64 -1.22 -24.43
CA TYR A 458 -3.25 -1.60 -24.25
C TYR A 458 -2.81 -2.39 -25.46
N THR A 459 -1.51 -2.57 -25.60
CA THR A 459 -1.02 -3.35 -26.70
C THR A 459 -1.10 -4.84 -26.40
N ALA A 460 -0.86 -5.64 -27.43
CA ALA A 460 -0.83 -7.09 -27.27
C ALA A 460 0.27 -7.52 -26.29
N GLU A 461 1.47 -6.94 -26.43
CA GLU A 461 2.55 -7.27 -25.50
C GLU A 461 2.14 -6.97 -24.06
N GLU A 462 1.36 -5.89 -23.87
CA GLU A 462 0.95 -5.52 -22.52
C GLU A 462 -0.07 -6.50 -21.95
N GLU A 463 -1.01 -6.98 -22.76
CA GLU A 463 -1.86 -8.09 -22.32
C GLU A 463 -1.03 -9.32 -21.95
N ALA A 464 -0.02 -9.63 -22.75
CA ALA A 464 0.84 -10.78 -22.43
C ALA A 464 1.51 -10.60 -21.07
N LEU A 465 2.08 -9.41 -20.81
CA LEU A 465 2.74 -9.14 -19.54
C LEU A 465 1.77 -9.23 -18.36
N SER A 466 0.53 -8.73 -18.54
CA SER A 466 -0.48 -8.84 -17.49
C SER A 466 -0.80 -10.30 -17.16
N ARG A 467 -1.03 -11.12 -18.18
CA ARG A 467 -1.28 -12.55 -17.94
C ARG A 467 -0.07 -13.18 -17.26
N ARG A 468 1.13 -12.87 -17.73
CA ARG A 468 2.35 -13.31 -17.06
C ARG A 468 2.33 -12.93 -15.57
N ILE A 469 2.14 -11.63 -15.30
CA ILE A 469 2.20 -11.17 -13.91
C ILE A 469 1.11 -11.82 -13.09
N MET A 470 -0.12 -11.86 -13.62
CA MET A 470 -1.22 -12.47 -12.88
C MET A 470 -0.93 -13.93 -12.57
N HIS A 471 -0.30 -14.65 -13.51
CA HIS A 471 -0.02 -16.06 -13.27
C HIS A 471 1.10 -16.23 -12.25
N TYR A 472 2.12 -15.37 -12.29
CA TYR A 472 3.11 -15.31 -11.22
C TYR A 472 2.44 -15.11 -9.87
N TRP A 473 1.64 -14.04 -9.76
CA TRP A 473 1.05 -13.70 -8.47
C TRP A 473 0.14 -14.82 -7.97
N ALA A 474 -0.67 -15.38 -8.87
CA ALA A 474 -1.64 -16.40 -8.45
C ALA A 474 -0.94 -17.72 -8.16
N THR A 475 0.00 -18.12 -9.00
CA THR A 475 0.73 -19.35 -8.70
C THR A 475 1.48 -19.23 -7.37
N PHE A 476 2.12 -18.09 -7.13
CA PHE A 476 2.79 -17.90 -5.84
C PHE A 476 1.78 -18.00 -4.70
N ALA A 477 0.59 -17.43 -4.88
CA ALA A 477 -0.38 -17.55 -3.79
C ALA A 477 -0.76 -19.00 -3.53
N LYS A 478 -0.82 -19.83 -4.57
CA LYS A 478 -1.28 -21.20 -4.33
C LYS A 478 -0.17 -22.11 -3.84
N THR A 479 1.04 -21.97 -4.39
CA THR A 479 2.13 -22.89 -4.11
C THR A 479 3.24 -22.31 -3.24
N GLY A 480 3.30 -20.99 -3.07
CA GLY A 480 4.48 -20.37 -2.48
C GLY A 480 5.63 -20.20 -3.44
N ASN A 481 5.41 -20.35 -4.73
CA ASN A 481 6.47 -20.27 -5.73
C ASN A 481 5.80 -19.79 -7.02
N PRO A 482 6.26 -18.70 -7.64
CA PRO A 482 5.56 -18.19 -8.83
C PRO A 482 5.84 -18.98 -10.09
N ASN A 483 6.80 -19.90 -10.07
CA ASN A 483 7.22 -20.59 -11.29
C ASN A 483 6.32 -21.78 -11.60
N GLU A 484 6.12 -22.04 -12.88
CA GLU A 484 5.30 -23.19 -13.24
C GLU A 484 6.11 -24.47 -13.02
N PRO A 485 5.47 -25.54 -12.55
CA PRO A 485 6.24 -26.63 -11.93
C PRO A 485 7.29 -27.29 -12.83
N HIS A 486 7.04 -27.38 -14.13
CA HIS A 486 7.97 -28.10 -14.99
C HIS A 486 7.87 -27.51 -16.39
N SER A 487 8.27 -26.25 -16.53
CA SER A 487 8.05 -25.52 -17.76
C SER A 487 9.37 -25.26 -18.49
N GLN A 488 9.25 -25.03 -19.80
CA GLN A 488 10.36 -24.56 -20.61
C GLN A 488 10.63 -23.08 -20.40
N GLU A 489 9.74 -22.38 -19.71
CA GLU A 489 9.88 -20.95 -19.50
C GLU A 489 10.96 -20.66 -18.46
N SER A 490 11.63 -19.52 -18.65
CA SER A 490 12.68 -19.11 -17.73
C SER A 490 12.16 -19.00 -16.31
N LYS A 491 12.91 -19.54 -15.35
CA LYS A 491 12.51 -19.50 -13.97
C LYS A 491 12.83 -18.15 -13.33
N TRP A 492 11.96 -17.74 -12.41
CA TRP A 492 12.23 -16.60 -11.57
C TRP A 492 12.99 -17.13 -10.35
N PRO A 493 14.27 -16.84 -10.21
CA PRO A 493 15.06 -17.47 -9.14
C PRO A 493 14.71 -16.91 -7.77
N LEU A 494 14.92 -17.75 -6.76
CA LEU A 494 14.80 -17.29 -5.39
C LEU A 494 15.82 -16.19 -5.13
N PHE A 495 15.41 -15.18 -4.38
CA PHE A 495 16.36 -14.22 -3.85
C PHE A 495 17.04 -14.84 -2.64
N THR A 496 18.37 -14.92 -2.64
CA THR A 496 19.11 -15.48 -1.52
C THR A 496 20.05 -14.44 -0.93
N THR A 497 20.29 -14.59 0.37
CA THR A 497 21.27 -13.76 1.07
C THR A 497 22.56 -13.63 0.27
N LYS A 498 23.00 -14.73 -0.35
CA LYS A 498 24.33 -14.74 -0.95
C LYS A 498 24.37 -14.07 -2.32
N GLU A 499 23.37 -14.33 -3.18
CA GLU A 499 23.44 -13.81 -4.54
C GLU A 499 22.40 -12.76 -4.87
N GLN A 500 21.33 -12.63 -4.08
CA GLN A 500 20.41 -11.49 -4.17
C GLN A 500 19.95 -11.25 -5.61
N LYS A 501 19.38 -12.30 -6.21
CA LYS A 501 18.87 -12.20 -7.57
C LYS A 501 17.46 -11.64 -7.59
N PHE A 502 17.12 -10.94 -8.68
CA PHE A 502 15.78 -10.43 -8.95
C PHE A 502 15.58 -10.41 -10.46
N ILE A 503 14.31 -10.23 -10.87
CA ILE A 503 13.99 -10.17 -12.30
C ILE A 503 13.42 -8.80 -12.67
N ASP A 504 13.66 -8.40 -13.92
CA ASP A 504 12.87 -7.37 -14.59
C ASP A 504 11.48 -7.92 -14.93
N LEU A 505 10.44 -7.13 -14.65
CA LEU A 505 9.08 -7.39 -15.12
C LEU A 505 8.76 -6.38 -16.21
N ASN A 506 8.82 -6.81 -17.47
CA ASN A 506 8.50 -5.92 -18.59
C ASN A 506 8.09 -6.80 -19.77
N THR A 507 7.91 -6.19 -20.95
CA THR A 507 7.45 -6.95 -22.11
C THR A 507 8.56 -7.76 -22.75
N GLU A 508 9.83 -7.43 -22.49
CA GLU A 508 10.96 -8.17 -23.05
C GLU A 508 11.15 -9.50 -22.31
N PRO A 509 11.98 -10.38 -22.83
CA PRO A 509 12.19 -11.67 -22.16
C PRO A 509 12.86 -11.46 -20.81
N MET A 510 12.38 -12.18 -19.79
CA MET A 510 12.82 -11.93 -18.43
C MET A 510 14.34 -12.01 -18.31
N LYS A 511 14.91 -11.05 -17.59
CA LYS A 511 16.34 -10.99 -17.29
C LYS A 511 16.54 -11.09 -15.78
N VAL A 512 17.65 -11.71 -15.39
CA VAL A 512 18.03 -11.87 -13.99
C VAL A 512 19.13 -10.86 -13.68
N HIS A 513 18.99 -10.15 -12.56
CA HIS A 513 20.03 -9.25 -12.08
C HIS A 513 20.31 -9.56 -10.61
N GLN A 514 21.30 -8.86 -10.04
CA GLN A 514 21.67 -9.02 -8.64
C GLN A 514 21.91 -7.66 -7.99
N ARG A 515 21.65 -7.61 -6.68
CA ARG A 515 21.95 -6.48 -5.79
C ARG A 515 21.31 -5.18 -6.28
N LEU A 516 19.97 -5.19 -6.23
CA LEU A 516 19.16 -4.02 -6.56
C LEU A 516 19.66 -2.75 -5.90
N ARG A 517 20.14 -1.81 -6.72
CA ARG A 517 20.60 -0.49 -6.29
C ARG A 517 21.44 -0.56 -5.01
N VAL A 518 22.36 -1.53 -4.98
CA VAL A 518 23.11 -1.80 -3.76
C VAL A 518 23.95 -0.60 -3.32
N GLN A 519 24.53 0.13 -4.28
CA GLN A 519 25.38 1.26 -3.90
C GLN A 519 24.58 2.34 -3.17
N MET A 520 23.43 2.74 -3.73
CA MET A 520 22.67 3.80 -3.08
C MET A 520 22.07 3.33 -1.77
N CYS A 521 21.73 2.05 -1.65
CA CYS A 521 21.08 1.60 -0.43
C CYS A 521 22.06 1.44 0.72
N VAL A 522 23.35 1.23 0.43
CA VAL A 522 24.34 1.37 1.49
C VAL A 522 24.32 2.81 2.02
N PHE A 523 24.26 3.77 1.12
CA PHE A 523 24.16 5.15 1.58
C PHE A 523 22.93 5.35 2.47
N TRP A 524 21.75 4.94 1.99
CA TRP A 524 20.55 5.24 2.75
C TRP A 524 20.40 4.36 3.99
N ASN A 525 20.88 3.10 3.95
CA ASN A 525 20.60 2.16 5.05
C ASN A 525 21.71 2.09 6.09
N GLN A 526 22.95 2.44 5.75
CA GLN A 526 24.04 2.39 6.71
C GLN A 526 24.64 3.76 6.97
N PHE A 527 25.17 4.42 5.94
CA PHE A 527 25.95 5.65 6.15
C PHE A 527 25.11 6.82 6.65
N LEU A 528 24.08 7.22 5.89
CA LEU A 528 23.33 8.41 6.30
C LEU A 528 22.78 8.29 7.73
N PRO A 529 22.13 7.19 8.11
CA PRO A 529 21.72 7.05 9.53
C PRO A 529 22.89 7.19 10.48
N LYS A 530 24.05 6.65 10.14
CA LYS A 530 25.20 6.82 11.03
C LYS A 530 25.60 8.29 11.13
N LEU A 531 25.65 8.99 9.99
CA LEU A 531 25.96 10.41 10.01
C LEU A 531 24.95 11.22 10.82
N LEU A 532 23.66 10.91 10.70
CA LEU A 532 22.66 11.69 11.46
C LEU A 532 22.74 11.40 12.95
N ASN A 533 23.07 10.16 13.37
CA ASN A 533 23.19 9.84 14.79
C ASN A 533 24.39 10.53 15.43
N ALA A 534 25.43 10.81 14.65
CA ALA A 534 26.63 11.43 15.20
C ALA A 534 26.54 12.95 15.28
N THR A 535 25.79 13.59 14.38
CA THR A 535 25.84 15.07 14.20
C THR A 535 24.57 15.84 14.59
C1 NAG B . 11.10 -24.15 3.46
C2 NAG B . 12.46 -24.45 2.84
C3 NAG B . 12.55 -25.91 2.41
C4 NAG B . 12.21 -26.81 3.59
C5 NAG B . 10.83 -26.47 4.11
C6 NAG B . 10.35 -27.31 5.27
C7 NAG B . 13.42 -22.42 1.82
C8 NAG B . 13.65 -21.65 0.55
N2 NAG B . 12.75 -23.57 1.71
O3 NAG B . 13.85 -26.19 1.92
O4 NAG B . 12.26 -28.18 3.18
O5 NAG B . 10.83 -25.09 4.55
O6 NAG B . 11.09 -27.10 6.47
O7 NAG B . 13.82 -22.00 2.91
C1 NAG B . 12.97 -29.17 3.84
C2 NAG B . 12.61 -30.58 3.34
C3 NAG B . 13.55 -31.62 3.97
C4 NAG B . 15.01 -31.23 3.77
C5 NAG B . 15.24 -29.79 4.25
C6 NAG B . 16.64 -29.30 3.96
C7 NAG B . 10.22 -30.78 2.80
C8 NAG B . 8.86 -31.15 3.31
N2 NAG B . 11.23 -30.90 3.67
O3 NAG B . 13.31 -32.89 3.37
O4 NAG B . 15.86 -32.10 4.51
O5 NAG B . 14.34 -28.91 3.57
O6 NAG B . 16.80 -28.97 2.58
O7 NAG B . 10.40 -30.37 1.64
C1 NAG C . -30.26 -5.06 -4.10
C2 NAG C . -31.78 -5.20 -4.37
C3 NAG C . -32.07 -4.99 -5.86
C4 NAG C . -31.51 -3.65 -6.33
C5 NAG C . -30.01 -3.59 -6.03
C6 NAG C . -29.40 -2.26 -6.39
C7 NAG C . -33.23 -6.63 -3.00
C8 NAG C . -33.61 -8.04 -2.67
N2 NAG C . -32.28 -6.49 -3.93
O3 NAG C . -33.47 -5.04 -6.09
O4 NAG C . -31.74 -3.45 -7.72
O5 NAG C . -29.79 -3.78 -4.62
O6 NAG C . -29.48 -1.34 -5.31
O7 NAG C . -33.75 -5.66 -2.45
C1 FUC C . -29.32 0.03 -5.28
C2 FUC C . -30.52 0.90 -5.66
C3 FUC C . -31.39 1.24 -4.43
C4 FUC C . -30.53 1.76 -3.26
C5 FUC C . -29.38 0.80 -2.99
C6 FUC C . -28.40 1.35 -1.95
O2 FUC C . -31.32 0.30 -6.70
O3 FUC C . -32.33 2.26 -4.77
O4 FUC C . -30.01 3.05 -3.57
O5 FUC C . -28.61 0.55 -4.18
C1 EDO D . -0.90 6.41 -6.19
O1 EDO D . -1.31 7.49 -5.34
C2 EDO D . -0.25 5.29 -5.37
O2 EDO D . -1.08 4.92 -4.25
C1 EDO E . -21.61 6.97 -6.62
O1 EDO E . -21.94 6.98 -5.21
C2 EDO E . -22.60 6.12 -7.40
O2 EDO E . -22.10 5.84 -8.71
C1 EDO F . 10.02 12.62 19.07
O1 EDO F . 10.16 11.28 18.53
C2 EDO F . 8.87 13.36 18.36
O2 EDO F . 8.03 14.12 19.26
H11 EDO F . 10.95 13.16 18.94
H12 EDO F . 9.81 12.56 20.14
HO1 EDO F . 10.95 11.24 17.98
H21 EDO F . 8.25 12.64 17.83
H22 EDO F . 9.30 14.04 17.62
HO2 EDO F . 7.15 14.20 18.88
C1 NAG G . -9.40 3.90 -25.96
C2 NAG G . -10.52 3.89 -27.02
C3 NAG G . -11.53 5.03 -26.73
C4 NAG G . -11.98 5.01 -25.28
C5 NAG G . -10.77 4.99 -24.35
C6 NAG G . -11.11 4.93 -22.88
C7 NAG G . -10.72 4.09 -29.48
C8 NAG G . -9.97 4.20 -30.77
N2 NAG G . -9.97 4.03 -28.37
O3 NAG G . -12.66 4.96 -27.60
O4 NAG G . -12.75 6.18 -24.99
O5 NAG G . -9.97 3.84 -24.65
O6 NAG G . -9.94 4.88 -22.07
O7 NAG G . -11.95 4.02 -29.44
O4 FWN H . -1.04 10.42 -5.73
C5 FWN H . -0.82 11.54 -4.89
C6 FWN H . 0.64 11.86 -4.74
O7 FWN H . 0.82 12.92 -3.82
C8 FWN H . 0.63 12.54 -2.46
C9 FWN H . 0.95 13.68 -1.55
O10 FWN H . 0.00 14.73 -1.70
C11 FWN H . 0.37 15.89 -0.98
C12 FWN H . -0.83 16.74 -0.65
O13 FWN H . -0.37 17.91 0.01
C14 FWN H . -1.40 18.67 0.62
C1 FWN H . -0.83 19.85 1.30
CA CA I . 14.03 7.70 -12.84
ZN ZN J . -19.90 16.47 23.54
#